data_3SPK
#
_entry.id   3SPK
#
_cell.length_a   63.119
_cell.length_b   63.119
_cell.length_c   83.540
_cell.angle_alpha   90.00
_cell.angle_beta   90.00
_cell.angle_gamma   120.00
#
_symmetry.space_group_name_H-M   'P 61'
#
loop_
_entity.id
_entity.type
_entity.pdbx_description
1 polymer 'HIV-1 protease'
2 non-polymer N-(3-{(1R)-1-[(6R)-4-HYDROXY-2-OXO-6-PHENETHYL-6-PROPYL-5,6-DIHYDRO-2H-PYRAN-3-YL]PROPYL}PHENYL)-5-(TRIFLUOROMETHYL)-2-PYRIDINESULFONAMIDE
3 water water
#
_entity_poly.entity_id   1
_entity_poly.type   'polypeptide(L)'
_entity_poly.pdbx_seq_one_letter_code
;PQITLWKRPIVTIKIGGQLKEALLNTGADDTVLEEVNLPGRWKPKLIGGIGGFVKVRQYDQVPIEICGHKVIGTVLVGPT
PTNVIGRNLMTQIGCTLNF
;
_entity_poly.pdbx_strand_id   A,B
#
loop_
_chem_comp.id
_chem_comp.type
_chem_comp.name
_chem_comp.formula
TPV non-polymer N-(3-{(1R)-1-[(6R)-4-HYDROXY-2-OXO-6-PHENETHYL-6-PROPYL-5,6-DIHYDRO-2H-PYRAN-3-YL]PROPYL}PHENYL)-5-(TRIFLUOROMETHYL)-2-PYRIDINESULFONAMIDE 'C31 H33 F3 N2 O5 S'
#
# COMPACT_ATOMS: atom_id res chain seq x y z
N PRO A 1 -12.86 -12.07 -6.79
CA PRO A 1 -13.49 -12.07 -5.49
C PRO A 1 -13.54 -10.65 -4.93
N GLN A 2 -14.30 -10.48 -3.85
CA GLN A 2 -14.21 -9.30 -3.01
C GLN A 2 -13.36 -9.63 -1.79
N ILE A 3 -12.46 -8.72 -1.43
CA ILE A 3 -11.55 -8.94 -0.31
C ILE A 3 -11.71 -7.76 0.64
N THR A 4 -12.05 -8.04 1.89
CA THR A 4 -12.16 -6.99 2.91
C THR A 4 -10.79 -6.72 3.53
N LEU A 5 -10.71 -5.74 4.42
CA LEU A 5 -9.41 -5.24 4.83
C LEU A 5 -9.19 -5.39 6.33
N TRP A 6 -9.99 -6.26 6.96
CA TRP A 6 -9.79 -6.57 8.39
C TRP A 6 -8.48 -7.29 8.66
N LYS A 7 -7.96 -7.98 7.64
CA LYS A 7 -6.62 -8.52 7.71
CA LYS A 7 -6.66 -8.62 7.68
C LYS A 7 -5.87 -8.18 6.43
N ARG A 8 -4.57 -8.39 6.43
CA ARG A 8 -3.77 -8.09 5.24
C ARG A 8 -4.31 -8.83 4.01
N PRO A 9 -4.44 -8.12 2.87
CA PRO A 9 -4.90 -8.82 1.63
C PRO A 9 -3.77 -9.56 0.91
N ILE A 10 -3.51 -10.76 1.40
CA ILE A 10 -2.45 -11.64 0.93
CA ILE A 10 -2.45 -11.60 0.88
C ILE A 10 -3.00 -12.63 -0.08
N VAL A 11 -2.31 -12.80 -1.22
CA VAL A 11 -2.71 -13.77 -2.22
C VAL A 11 -1.53 -14.67 -2.61
N THR A 12 -1.83 -15.82 -3.18
CA THR A 12 -0.80 -16.71 -3.69
CA THR A 12 -0.81 -16.72 -3.69
C THR A 12 -0.46 -16.38 -5.13
N ILE A 13 0.84 -16.39 -5.44
CA ILE A 13 1.33 -16.10 -6.78
C ILE A 13 2.23 -17.21 -7.24
N LYS A 14 2.35 -17.34 -8.56
CA LYS A 14 3.36 -18.20 -9.16
C LYS A 14 4.20 -17.34 -10.08
N ILE A 15 5.50 -17.40 -9.90
CA ILE A 15 6.40 -16.58 -10.68
C ILE A 15 7.71 -17.32 -10.86
N GLY A 16 8.18 -17.45 -12.10
CA GLY A 16 9.47 -18.10 -12.35
C GLY A 16 9.43 -19.55 -11.91
N GLY A 17 8.25 -20.17 -11.94
CA GLY A 17 8.13 -21.56 -11.58
C GLY A 17 8.07 -21.77 -10.08
N GLN A 18 8.11 -20.69 -9.30
CA GLN A 18 8.03 -20.81 -7.83
CA GLN A 18 8.04 -20.80 -7.83
C GLN A 18 6.74 -20.14 -7.27
N LEU A 19 6.33 -20.63 -6.10
CA LEU A 19 5.10 -20.23 -5.44
C LEU A 19 5.46 -19.33 -4.28
N LYS A 20 4.78 -18.19 -4.19
CA LYS A 20 5.03 -17.22 -3.13
C LYS A 20 3.69 -16.67 -2.66
N GLU A 21 3.68 -15.99 -1.52
CA GLU A 21 2.56 -15.13 -1.13
C GLU A 21 2.96 -13.67 -1.24
N ALA A 22 2.00 -12.81 -1.57
CA ALA A 22 2.28 -11.40 -1.74
C ALA A 22 1.06 -10.58 -1.33
N LEU A 23 1.32 -9.34 -0.96
CA LEU A 23 0.33 -8.40 -0.45
C LEU A 23 -0.20 -7.47 -1.54
N LEU A 24 -1.51 -7.48 -1.75
CA LEU A 24 -2.13 -6.53 -2.66
C LEU A 24 -2.06 -5.12 -2.12
N ASN A 25 -1.29 -4.25 -2.76
CA ASN A 25 -0.96 -2.96 -2.20
C ASN A 25 -1.29 -1.81 -3.13
N THR A 26 -2.45 -1.19 -2.91
CA THR A 26 -2.89 -0.07 -3.73
C THR A 26 -2.06 1.18 -3.55
N GLY A 27 -1.23 1.23 -2.50
CA GLY A 27 -0.31 2.34 -2.30
C GLY A 27 0.98 2.23 -3.08
N ALA A 28 1.25 1.05 -3.64
CA ALA A 28 2.53 0.81 -4.32
C ALA A 28 2.36 1.02 -5.82
N ASP A 29 3.18 1.89 -6.42
CA ASP A 29 3.16 2.01 -7.88
C ASP A 29 3.61 0.71 -8.54
N ASP A 30 4.59 0.05 -7.93
CA ASP A 30 5.36 -1.04 -8.54
C ASP A 30 5.21 -2.32 -7.69
N THR A 31 5.68 -3.43 -8.24
CA THR A 31 5.62 -4.75 -7.60
C THR A 31 7.02 -5.08 -7.14
N VAL A 32 7.16 -5.44 -5.86
CA VAL A 32 8.49 -5.69 -5.29
C VAL A 32 8.47 -7.03 -4.58
N LEU A 33 9.36 -7.94 -4.99
CA LEU A 33 9.43 -9.28 -4.41
C LEU A 33 10.84 -9.50 -3.89
N GLU A 34 10.99 -10.47 -3.01
CA GLU A 34 12.31 -11.02 -2.74
C GLU A 34 12.36 -12.54 -2.91
N GLU A 35 13.58 -13.07 -3.04
CA GLU A 35 13.78 -14.51 -3.16
C GLU A 35 13.03 -15.12 -4.34
N VAL A 36 13.18 -14.51 -5.52
CA VAL A 36 12.50 -14.96 -6.74
C VAL A 36 13.27 -15.65 -7.91
N ASN A 37 14.60 -15.51 -8.03
CA ASN A 37 15.25 -16.17 -9.17
C ASN A 37 14.61 -16.00 -10.55
N LEU A 38 14.61 -14.78 -11.07
CA LEU A 38 14.14 -14.52 -12.42
C LEU A 38 15.27 -14.62 -13.43
N PRO A 39 14.96 -15.15 -14.64
CA PRO A 39 15.98 -15.32 -15.68
C PRO A 39 16.34 -14.02 -16.42
N GLY A 40 17.58 -13.93 -16.89
CA GLY A 40 17.94 -12.98 -17.92
C GLY A 40 18.36 -11.60 -17.42
N ARG A 41 18.38 -10.63 -18.33
CA ARG A 41 18.88 -9.31 -18.02
C ARG A 41 17.97 -8.53 -17.09
N TRP A 42 18.55 -7.57 -16.40
CA TRP A 42 17.82 -6.68 -15.53
C TRP A 42 18.57 -5.35 -15.44
N LYS A 43 17.87 -4.31 -14.97
CA LYS A 43 18.52 -3.02 -14.78
CA LYS A 43 18.47 -2.99 -14.80
C LYS A 43 18.38 -2.58 -13.33
N PRO A 44 19.41 -1.92 -12.79
CA PRO A 44 19.27 -1.37 -11.44
C PRO A 44 18.15 -0.34 -11.35
N LYS A 45 17.47 -0.29 -10.22
CA LYS A 45 16.48 0.76 -9.97
C LYS A 45 16.54 1.09 -8.49
N LEU A 46 16.33 2.36 -8.16
CA LEU A 46 16.10 2.76 -6.77
C LEU A 46 14.64 3.15 -6.58
N ILE A 47 14.02 2.65 -5.52
CA ILE A 47 12.65 3.04 -5.21
C ILE A 47 12.54 3.60 -3.80
N GLY A 48 11.64 4.56 -3.64
CA GLY A 48 11.38 5.14 -2.34
C GLY A 48 10.24 4.43 -1.63
N GLY A 49 10.34 4.35 -0.31
CA GLY A 49 9.37 3.71 0.57
C GLY A 49 9.22 4.58 1.80
N ILE A 50 8.34 4.22 2.73
CA ILE A 50 8.11 5.12 3.87
C ILE A 50 9.34 5.39 4.72
N GLY A 51 10.21 4.37 4.81
CA GLY A 51 11.43 4.41 5.61
C GLY A 51 12.77 4.71 4.92
N GLY A 52 12.73 5.02 3.63
CA GLY A 52 13.96 5.27 2.90
C GLY A 52 13.89 4.75 1.47
N PHE A 53 15.04 4.53 0.87
CA PHE A 53 15.13 4.09 -0.53
C PHE A 53 15.77 2.71 -0.57
N VAL A 54 15.35 1.91 -1.54
CA VAL A 54 15.79 0.53 -1.70
C VAL A 54 16.40 0.32 -3.14
N LYS A 55 17.55 -0.33 -3.23
CA LYS A 55 18.12 -0.73 -4.52
C LYS A 55 17.49 -2.05 -4.89
N VAL A 56 16.95 -2.14 -6.09
CA VAL A 56 16.33 -3.37 -6.55
C VAL A 56 16.82 -3.68 -7.97
N ARG A 57 16.59 -4.93 -8.41
CA ARG A 57 16.77 -5.28 -9.82
C ARG A 57 15.42 -5.10 -10.52
N GLN A 58 15.41 -4.42 -11.66
CA GLN A 58 14.20 -4.30 -12.46
C GLN A 58 14.19 -5.32 -13.60
N TYR A 59 13.21 -6.21 -13.57
CA TYR A 59 12.99 -7.21 -14.63
C TYR A 59 11.72 -6.85 -15.39
N ASP A 60 11.83 -6.75 -16.72
CA ASP A 60 10.68 -6.40 -17.53
C ASP A 60 9.99 -7.61 -18.15
N GLN A 61 8.71 -7.46 -18.45
CA GLN A 61 7.94 -8.49 -19.14
C GLN A 61 8.07 -9.84 -18.46
N VAL A 62 7.80 -9.85 -17.16
CA VAL A 62 7.85 -11.08 -16.38
C VAL A 62 6.44 -11.68 -16.27
N PRO A 63 6.28 -12.96 -16.62
CA PRO A 63 4.97 -13.60 -16.39
C PRO A 63 4.80 -13.83 -14.89
N ILE A 64 3.58 -13.58 -14.42
CA ILE A 64 3.25 -13.82 -13.04
C ILE A 64 1.78 -14.17 -13.01
N GLU A 65 1.43 -15.16 -12.21
CA GLU A 65 0.03 -15.54 -12.09
C GLU A 65 -0.40 -15.21 -10.66
N ILE A 66 -1.38 -14.33 -10.54
CA ILE A 66 -1.75 -13.70 -9.27
C ILE A 66 -3.16 -14.15 -8.98
N CYS A 67 -3.33 -14.90 -7.91
CA CYS A 67 -4.61 -15.53 -7.63
CA CYS A 67 -4.61 -15.55 -7.63
C CYS A 67 -5.23 -16.15 -8.88
N GLY A 68 -4.46 -16.92 -9.64
CA GLY A 68 -5.05 -17.66 -10.75
C GLY A 68 -5.29 -16.84 -12.03
N HIS A 69 -4.79 -15.60 -12.06
CA HIS A 69 -4.94 -14.70 -13.22
C HIS A 69 -3.54 -14.48 -13.80
N LYS A 70 -3.35 -14.82 -15.07
CA LYS A 70 -2.03 -14.72 -15.68
CA LYS A 70 -2.04 -14.73 -15.69
CA LYS A 70 -2.03 -14.73 -15.70
C LYS A 70 -1.82 -13.33 -16.28
N VAL A 71 -0.79 -12.65 -15.81
CA VAL A 71 -0.46 -11.34 -16.33
C VAL A 71 1.03 -11.26 -16.62
N ILE A 72 1.47 -10.14 -17.14
CA ILE A 72 2.87 -9.93 -17.46
CA ILE A 72 2.86 -9.93 -17.44
C ILE A 72 3.21 -8.48 -17.18
N GLY A 73 4.35 -8.24 -16.55
CA GLY A 73 4.75 -6.86 -16.33
C GLY A 73 6.07 -6.78 -15.63
N THR A 74 6.40 -5.57 -15.22
CA THR A 74 7.67 -5.33 -14.56
C THR A 74 7.62 -5.84 -13.11
N VAL A 75 8.68 -6.52 -12.69
CA VAL A 75 8.82 -6.97 -11.32
C VAL A 75 10.15 -6.54 -10.77
N LEU A 76 10.12 -5.91 -9.60
CA LEU A 76 11.34 -5.43 -8.96
C LEU A 76 11.74 -6.43 -7.88
N VAL A 77 13.02 -6.74 -7.79
CA VAL A 77 13.49 -7.75 -6.85
C VAL A 77 14.52 -7.14 -5.90
N GLY A 78 14.24 -7.23 -4.59
CA GLY A 78 15.07 -6.56 -3.58
C GLY A 78 14.37 -6.63 -2.21
N PRO A 79 14.94 -5.97 -1.18
CA PRO A 79 14.37 -6.09 0.18
C PRO A 79 13.03 -5.35 0.38
N THR A 80 12.13 -5.96 1.14
CA THR A 80 10.83 -5.37 1.42
C THR A 80 10.27 -6.07 2.66
N PRO A 81 9.38 -5.39 3.43
CA PRO A 81 8.90 -6.01 4.66
C PRO A 81 8.07 -7.26 4.32
N THR A 82 7.57 -7.28 3.09
CA THR A 82 6.84 -8.41 2.57
C THR A 82 6.75 -8.26 1.06
N ASN A 83 6.56 -9.37 0.34
CA ASN A 83 6.31 -9.28 -1.10
C ASN A 83 5.10 -8.41 -1.36
N VAL A 84 5.19 -7.49 -2.33
CA VAL A 84 4.12 -6.53 -2.62
C VAL A 84 3.73 -6.61 -4.10
N ILE A 85 2.44 -6.74 -4.36
CA ILE A 85 1.88 -6.57 -5.70
C ILE A 85 1.34 -5.13 -5.80
N GLY A 86 1.87 -4.36 -6.73
CA GLY A 86 1.51 -2.95 -6.87
C GLY A 86 0.52 -2.69 -7.98
N ARG A 87 0.22 -1.41 -8.19
CA ARG A 87 -0.81 -1.04 -9.15
C ARG A 87 -0.47 -1.47 -10.58
N ASN A 88 0.83 -1.58 -10.91
CA ASN A 88 1.21 -1.98 -12.27
C ASN A 88 0.63 -3.33 -12.66
N LEU A 89 0.50 -4.24 -11.69
CA LEU A 89 -0.11 -5.55 -11.93
C LEU A 89 -1.58 -5.58 -11.54
N MET A 90 -1.96 -4.84 -10.50
CA MET A 90 -3.36 -4.86 -10.08
CA MET A 90 -3.36 -4.85 -10.06
C MET A 90 -4.33 -4.35 -11.14
N THR A 91 -3.87 -3.41 -11.99
CA THR A 91 -4.71 -2.93 -13.10
C THR A 91 -4.91 -4.06 -14.11
N GLN A 92 -3.95 -4.95 -14.24
CA GLN A 92 -4.05 -6.02 -15.22
CA GLN A 92 -4.03 -6.03 -15.23
C GLN A 92 -5.04 -7.11 -14.81
N ILE A 93 -5.28 -7.26 -13.52
CA ILE A 93 -6.31 -8.21 -13.10
C ILE A 93 -7.66 -7.57 -12.88
N GLY A 94 -7.75 -6.26 -13.11
CA GLY A 94 -9.00 -5.54 -13.01
C GLY A 94 -9.42 -5.26 -11.56
N CYS A 95 -8.44 -5.01 -10.69
CA CYS A 95 -8.76 -4.75 -9.32
CA CYS A 95 -8.69 -4.70 -9.27
C CYS A 95 -9.15 -3.28 -9.10
N THR A 96 -10.19 -3.09 -8.30
CA THR A 96 -10.64 -1.75 -7.91
C THR A 96 -10.85 -1.68 -6.38
N LEU A 97 -10.86 -0.44 -5.87
CA LEU A 97 -11.29 -0.16 -4.51
C LEU A 97 -12.76 0.26 -4.54
N ASN A 98 -13.50 -0.10 -3.51
CA ASN A 98 -14.92 0.23 -3.47
C ASN A 98 -15.33 0.58 -2.06
N PHE A 99 -16.00 1.72 -1.89
CA PHE A 99 -16.61 2.06 -0.60
C PHE A 99 -17.86 2.94 -0.78
N PRO B 1 -17.79 5.23 -3.70
CA PRO B 1 -17.43 5.18 -5.10
C PRO B 1 -16.61 3.94 -5.39
N GLN B 2 -16.45 3.63 -6.67
CA GLN B 2 -15.45 2.70 -7.13
C GLN B 2 -14.26 3.49 -7.65
N ILE B 3 -13.06 3.04 -7.30
CA ILE B 3 -11.84 3.74 -7.66
C ILE B 3 -10.92 2.74 -8.37
N THR B 4 -10.56 3.02 -9.61
CA THR B 4 -9.62 2.14 -10.35
C THR B 4 -8.19 2.51 -9.98
N LEU B 5 -7.22 1.77 -10.51
CA LEU B 5 -5.86 1.87 -10.02
C LEU B 5 -4.88 2.26 -11.12
N TRP B 6 -5.41 2.86 -12.18
CA TRP B 6 -4.54 3.39 -13.24
C TRP B 6 -3.72 4.59 -12.78
N LYS B 7 -4.19 5.27 -11.74
CA LYS B 7 -3.42 6.31 -11.08
C LYS B 7 -3.49 6.07 -9.59
N ARG B 8 -2.66 6.78 -8.84
CA ARG B 8 -2.69 6.65 -7.39
C ARG B 8 -4.09 6.97 -6.84
N PRO B 9 -4.58 6.13 -5.92
CA PRO B 9 -5.90 6.40 -5.30
C PRO B 9 -5.82 7.41 -4.16
N ILE B 10 -5.77 8.68 -4.53
CA ILE B 10 -5.65 9.78 -3.59
CA ILE B 10 -5.64 9.82 -3.62
C ILE B 10 -7.02 10.39 -3.30
N VAL B 11 -7.25 10.68 -2.01
CA VAL B 11 -8.51 11.27 -1.58
C VAL B 11 -8.25 12.48 -0.67
N THR B 12 -9.24 13.34 -0.55
CA THR B 12 -9.16 14.48 0.34
C THR B 12 -9.64 14.13 1.76
N ILE B 13 -8.86 14.56 2.72
CA ILE B 13 -9.19 14.35 4.13
C ILE B 13 -9.24 15.66 4.88
N LYS B 14 -9.97 15.64 5.99
CA LYS B 14 -9.94 16.73 6.95
C LYS B 14 -9.57 16.13 8.30
N ILE B 15 -8.54 16.70 8.93
CA ILE B 15 -8.03 16.18 10.18
CA ILE B 15 -8.07 16.19 10.20
C ILE B 15 -7.51 17.35 11.00
N GLY B 16 -7.98 17.48 12.25
CA GLY B 16 -7.45 18.54 13.12
C GLY B 16 -7.75 19.91 12.55
N GLY B 17 -8.86 20.03 11.81
CA GLY B 17 -9.26 21.31 11.25
C GLY B 17 -8.48 21.69 10.00
N GLN B 18 -7.62 20.79 9.51
CA GLN B 18 -6.83 21.05 8.31
CA GLN B 18 -6.81 21.04 8.32
C GLN B 18 -7.19 20.09 7.18
N LEU B 19 -6.99 20.55 5.95
CA LEU B 19 -7.30 19.76 4.76
C LEU B 19 -6.02 19.21 4.17
N LYS B 20 -6.02 17.92 3.85
CA LYS B 20 -4.86 17.26 3.26
CA LYS B 20 -4.86 17.26 3.27
C LYS B 20 -5.33 16.29 2.18
N GLU B 21 -4.39 15.81 1.37
CA GLU B 21 -4.65 14.66 0.51
C GLU B 21 -3.86 13.46 1.03
N ALA B 22 -4.41 12.26 0.83
CA ALA B 22 -3.76 11.05 1.31
C ALA B 22 -4.10 9.88 0.39
N LEU B 23 -3.19 8.92 0.38
CA LEU B 23 -3.24 7.74 -0.47
C LEU B 23 -3.93 6.57 0.22
N LEU B 24 -4.96 6.02 -0.42
CA LEU B 24 -5.60 4.79 0.09
C LEU B 24 -4.68 3.60 -0.14
N ASN B 25 -4.19 3.01 0.93
CA ASN B 25 -3.13 2.05 0.87
C ASN B 25 -3.47 0.73 1.55
N THR B 26 -3.92 -0.24 0.77
CA THR B 26 -4.31 -1.55 1.30
C THR B 26 -3.14 -2.36 1.86
N GLY B 27 -1.91 -1.94 1.53
CA GLY B 27 -0.69 -2.57 2.04
C GLY B 27 -0.28 -2.08 3.40
N ALA B 28 -0.86 -0.98 3.86
CA ALA B 28 -0.45 -0.37 5.12
C ALA B 28 -1.38 -0.82 6.23
N ASP B 29 -0.83 -1.35 7.32
CA ASP B 29 -1.65 -1.68 8.47
C ASP B 29 -2.22 -0.40 9.09
N ASP B 30 -1.40 0.65 9.09
CA ASP B 30 -1.61 1.87 9.87
C ASP B 30 -1.75 3.08 8.92
N THR B 31 -2.15 4.21 9.49
CA THR B 31 -2.31 5.49 8.80
C THR B 31 -1.18 6.40 9.23
N VAL B 32 -0.45 6.93 8.24
CA VAL B 32 0.75 7.72 8.52
C VAL B 32 0.65 9.04 7.78
N LEU B 33 0.71 10.14 8.53
CA LEU B 33 0.58 11.47 7.95
C LEU B 33 1.79 12.30 8.34
N GLU B 34 2.06 13.35 7.57
CA GLU B 34 2.94 14.42 8.06
C GLU B 34 2.28 15.80 8.05
N GLU B 35 2.83 16.71 8.86
CA GLU B 35 2.48 18.14 8.83
C GLU B 35 1.04 18.36 9.22
N VAL B 36 0.57 17.47 10.08
CA VAL B 36 -0.71 17.64 10.73
CA VAL B 36 -0.71 17.64 10.73
C VAL B 36 -0.41 18.05 12.16
N ASN B 37 -1.34 18.72 12.79
CA ASN B 37 -1.08 19.33 14.08
CA ASN B 37 -1.08 19.31 14.10
C ASN B 37 -2.07 18.84 15.14
N LEU B 38 -1.86 17.63 15.62
CA LEU B 38 -2.86 16.99 16.43
C LEU B 38 -2.66 17.41 17.88
N PRO B 39 -3.77 17.61 18.61
CA PRO B 39 -3.73 18.06 20.00
C PRO B 39 -3.40 16.91 20.95
N GLY B 40 -2.76 17.23 22.08
CA GLY B 40 -2.75 16.33 23.22
C GLY B 40 -1.61 15.32 23.25
N ARG B 41 -1.75 14.33 24.13
CA ARG B 41 -0.69 13.38 24.37
CA ARG B 41 -0.70 13.36 24.38
C ARG B 41 -0.54 12.39 23.21
N TRP B 42 0.66 11.83 23.09
CA TRP B 42 0.95 10.85 22.07
C TRP B 42 2.04 9.94 22.63
N LYS B 43 2.29 8.83 21.97
CA LYS B 43 3.41 8.01 22.38
C LYS B 43 4.26 7.61 21.20
N PRO B 44 5.57 7.44 21.42
CA PRO B 44 6.45 7.11 20.31
C PRO B 44 6.15 5.72 19.75
N LYS B 45 6.30 5.56 18.44
CA LYS B 45 6.12 4.26 17.81
C LYS B 45 7.13 4.15 16.69
N LEU B 46 7.57 2.94 16.45
CA LEU B 46 8.44 2.68 15.33
C LEU B 46 7.69 1.78 14.37
N ILE B 47 7.67 2.16 13.11
CA ILE B 47 7.05 1.31 12.09
C ILE B 47 8.02 0.97 10.97
N GLY B 48 7.86 -0.22 10.42
CA GLY B 48 8.68 -0.66 9.31
C GLY B 48 8.01 -0.37 7.99
N GLY B 49 8.81 -0.07 6.98
CA GLY B 49 8.29 0.05 5.61
C GLY B 49 9.37 -0.40 4.64
N ILE B 50 9.11 -0.19 3.36
CA ILE B 50 10.16 -0.21 2.34
C ILE B 50 11.17 0.91 2.64
N GLY B 51 12.41 0.50 2.82
CA GLY B 51 13.48 1.44 2.91
C GLY B 51 14.03 1.45 4.31
N GLY B 52 13.23 0.97 5.27
CA GLY B 52 13.67 0.85 6.66
C GLY B 52 12.57 1.13 7.69
N PHE B 53 12.96 1.67 8.83
CA PHE B 53 11.99 1.90 9.90
CA PHE B 53 12.02 1.88 9.92
C PHE B 53 11.96 3.47 10.17
N VAL B 54 10.79 3.90 10.64
CA VAL B 54 10.46 5.30 10.81
C VAL B 54 9.96 5.53 12.26
N LYS B 55 10.49 6.55 12.90
CA LYS B 55 9.99 6.98 14.21
C LYS B 55 8.80 7.90 14.00
N VAL B 56 7.67 7.60 14.65
CA VAL B 56 6.47 8.41 14.48
C VAL B 56 5.88 8.72 15.86
N ARG B 57 4.96 9.68 15.90
CA ARG B 57 4.13 9.91 17.09
C ARG B 57 2.82 9.15 16.89
N GLN B 58 2.39 8.37 17.87
CA GLN B 58 1.11 7.69 17.79
C GLN B 58 0.06 8.46 18.54
N TYR B 59 -0.95 8.92 17.82
CA TYR B 59 -2.10 9.61 18.42
C TYR B 59 -3.35 8.72 18.34
N ASP B 60 -3.99 8.47 19.48
CA ASP B 60 -5.18 7.61 19.50
C ASP B 60 -6.50 8.38 19.45
N GLN B 61 -7.50 7.72 18.93
CA GLN B 61 -8.86 8.27 18.89
C GLN B 61 -8.91 9.64 18.24
N VAL B 62 -8.38 9.71 17.03
CA VAL B 62 -8.32 10.98 16.30
C VAL B 62 -9.46 11.00 15.28
N PRO B 63 -10.31 12.05 15.34
CA PRO B 63 -11.34 12.18 14.28
C PRO B 63 -10.67 12.52 12.94
N ILE B 64 -11.15 11.89 11.89
CA ILE B 64 -10.66 12.17 10.55
C ILE B 64 -11.80 11.91 9.59
N GLU B 65 -11.99 12.81 8.64
CA GLU B 65 -13.04 12.65 7.67
C GLU B 65 -12.39 12.37 6.33
N ILE B 66 -12.71 11.20 5.76
CA ILE B 66 -11.97 10.64 4.62
C ILE B 66 -12.97 10.54 3.49
N CYS B 67 -12.73 11.31 2.45
CA CYS B 67 -13.69 11.41 1.37
C CYS B 67 -15.11 11.57 1.90
N GLY B 68 -15.30 12.41 2.91
CA GLY B 68 -16.65 12.79 3.30
C GLY B 68 -17.26 11.82 4.30
N HIS B 69 -16.47 10.88 4.80
CA HIS B 69 -16.96 9.88 5.77
C HIS B 69 -16.21 10.13 7.07
N LYS B 70 -16.94 10.32 8.16
CA LYS B 70 -16.31 10.63 9.45
C LYS B 70 -15.97 9.35 10.20
N VAL B 71 -14.70 9.18 10.54
CA VAL B 71 -14.27 8.03 11.30
C VAL B 71 -13.38 8.51 12.45
N ILE B 72 -13.00 7.57 13.29
CA ILE B 72 -12.07 7.86 14.39
C ILE B 72 -11.08 6.70 14.51
N GLY B 73 -9.83 7.04 14.77
CA GLY B 73 -8.90 5.95 15.03
C GLY B 73 -7.50 6.46 15.24
N THR B 74 -6.55 5.54 15.22
CA THR B 74 -5.16 5.88 15.48
C THR B 74 -4.53 6.50 14.24
N VAL B 75 -3.82 7.60 14.45
CA VAL B 75 -3.08 8.24 13.38
C VAL B 75 -1.63 8.40 13.80
N LEU B 76 -0.72 7.97 12.91
CA LEU B 76 0.70 8.11 13.18
C LEU B 76 1.23 9.33 12.43
N VAL B 77 2.08 10.09 13.07
CA VAL B 77 2.59 11.33 12.50
C VAL B 77 4.11 11.28 12.42
N GLY B 78 4.65 11.35 11.22
CA GLY B 78 6.09 11.32 11.07
C GLY B 78 6.49 11.35 9.63
N PRO B 79 7.81 11.27 9.38
CA PRO B 79 8.41 11.84 8.18
C PRO B 79 8.34 10.85 7.04
N THR B 80 7.11 10.51 6.68
CA THR B 80 6.71 9.85 5.43
C THR B 80 6.67 10.79 4.22
N PRO B 81 6.99 10.20 3.07
CA PRO B 81 6.96 10.84 1.76
C PRO B 81 5.54 11.18 1.36
N THR B 82 4.60 10.22 1.33
CA THR B 82 3.25 10.66 1.04
C THR B 82 2.31 10.25 2.18
N ASN B 83 1.28 11.08 2.45
CA ASN B 83 0.29 10.73 3.47
C ASN B 83 -0.40 9.44 3.06
N VAL B 84 -0.51 8.51 4.00
CA VAL B 84 -1.09 7.19 3.75
C VAL B 84 -2.28 6.91 4.67
N ILE B 85 -3.42 6.50 4.11
CA ILE B 85 -4.53 5.95 4.87
C ILE B 85 -4.42 4.43 4.79
N GLY B 86 -4.27 3.80 5.94
CA GLY B 86 -4.11 2.37 6.04
C GLY B 86 -5.37 1.60 6.39
N ARG B 87 -5.22 0.29 6.54
CA ARG B 87 -6.40 -0.55 6.75
C ARG B 87 -7.15 -0.20 8.04
N ASN B 88 -6.45 0.30 9.06
CA ASN B 88 -7.13 0.65 10.30
C ASN B 88 -8.28 1.63 10.07
N LEU B 89 -8.14 2.54 9.10
CA LEU B 89 -9.23 3.45 8.76
C LEU B 89 -10.08 2.99 7.59
N MET B 90 -9.46 2.29 6.62
CA MET B 90 -10.24 1.82 5.50
CA MET B 90 -10.23 1.83 5.46
C MET B 90 -11.32 0.83 5.82
N THR B 91 -11.13 0.07 6.90
CA THR B 91 -12.20 -0.83 7.35
C THR B 91 -13.38 -0.04 7.88
N GLN B 92 -13.12 1.14 8.42
CA GLN B 92 -14.17 1.97 9.03
C GLN B 92 -15.05 2.66 7.98
N ILE B 93 -14.53 2.86 6.77
CA ILE B 93 -15.36 3.38 5.70
C ILE B 93 -15.92 2.29 4.81
N GLY B 94 -15.62 1.03 5.13
CA GLY B 94 -16.21 -0.09 4.40
C GLY B 94 -15.57 -0.32 3.02
N CYS B 95 -14.27 -0.02 2.93
CA CYS B 95 -13.60 -0.20 1.69
CA CYS B 95 -13.47 -0.21 1.72
C CYS B 95 -13.16 -1.66 1.50
N THR B 96 -13.34 -2.15 0.28
CA THR B 96 -12.94 -3.49 -0.13
C THR B 96 -12.16 -3.43 -1.46
N LEU B 97 -11.36 -4.48 -1.70
CA LEU B 97 -10.79 -4.74 -3.02
C LEU B 97 -11.71 -5.68 -3.77
N ASN B 98 -11.73 -5.54 -5.09
CA ASN B 98 -12.60 -6.35 -5.93
C ASN B 98 -11.95 -6.65 -7.27
N PHE B 99 -11.86 -7.92 -7.64
CA PHE B 99 -11.42 -8.27 -9.00
C PHE B 99 -12.06 -9.57 -9.47
O1 TPV C . 5.67 0.20 3.50
C2 TPV C . 5.99 1.11 2.43
C3 TPV C . 5.01 1.28 1.37
C4 TPV C . 3.83 0.65 1.46
C5 TPV C . 3.58 -0.42 2.50
C6 TPV C . 4.33 -0.14 3.80
O7 TPV C . 7.05 1.73 2.44
O8 TPV C . 2.85 0.87 0.62
C9 TPV C . 3.66 1.04 4.50
C10 TPV C . 4.13 1.16 5.94
C11 TPV C . 2.95 1.13 6.88
C12 TPV C . 4.31 -1.39 4.64
C13 TPV C . 5.15 -2.49 3.99
C14 TPV C . 5.06 -3.76 4.84
C15 TPV C . 6.14 -4.16 5.63
C16 TPV C . 6.03 -5.29 6.43
C17 TPV C . 4.86 -6.05 6.43
C18 TPV C . 3.80 -5.65 5.62
C19 TPV C . 3.88 -4.51 4.85
C20 TPV C . 5.38 2.17 0.21
C21 TPV C . 4.28 3.15 -0.17
C22 TPV C . 3.93 4.08 0.99
C23 TPV C . 5.87 1.41 -0.98
C24 TPV C . 5.64 0.06 -1.14
C25 TPV C . 6.17 -0.61 -2.23
C26 TPV C . 6.94 0.05 -3.18
C27 TPV C . 7.17 1.42 -3.06
N28 TPV C . 7.97 2.07 -3.97
C29 TPV C . 6.70 2.07 -1.92
S30 TPV C . 7.33 2.76 -5.28
O31 TPV C . 8.40 3.25 -6.11
O32 TPV C . 6.53 1.75 -5.97
C33 TPV C . 6.38 3.94 -4.75
N34 TPV C . 5.02 3.76 -4.73
C35 TPV C . 4.23 4.67 -4.12
C36 TPV C . 4.74 5.86 -3.58
C37 TPV C . 6.11 6.07 -3.64
C38 TPV C . 6.92 5.13 -4.27
C39 TPV C . 3.82 6.81 -2.84
F40 TPV C . 2.62 6.84 -3.38
F41 TPV C . 4.31 8.04 -2.80
F42 TPV C . 3.67 6.43 -1.58
O1 TPV D . 6.11 2.52 0.68
C2 TPV D . 6.08 1.61 1.81
C3 TPV D . 4.83 0.92 2.09
C4 TPV D . 3.83 1.01 1.19
C5 TPV D . 3.93 1.80 -0.09
C6 TPV D . 5.34 2.25 -0.47
O7 TPV D . 7.08 1.43 2.51
O8 TPV D . 2.69 0.37 1.37
C9 TPV D . 6.18 1.23 -1.24
C10 TPV D . 5.41 0.14 -1.98
C11 TPV D . 6.34 -0.46 -3.01
C12 TPV D . 5.22 3.54 -1.29
C13 TPV D . 5.00 4.76 -0.39
C14 TPV D . 5.00 6.00 -1.26
C15 TPV D . 6.07 6.89 -1.23
C16 TPV D . 6.07 8.00 -2.08
C17 TPV D . 4.98 8.25 -2.91
C18 TPV D . 3.91 7.34 -2.95
C19 TPV D . 3.94 6.21 -2.14
C20 TPV D . 4.77 0.13 3.38
C21 TPV D . 4.22 -1.29 3.21
C22 TPV D . 4.89 -2.03 2.07
C23 TPV D . 4.13 0.84 4.53
C24 TPV D . 3.28 1.93 4.34
C25 TPV D . 2.71 2.56 5.44
C26 TPV D . 3.02 2.16 6.73
C27 TPV D . 3.81 1.02 6.94
N28 TPV D . 4.12 0.60 8.20
C29 TPV D . 4.39 0.40 5.83
S30 TPV D . 3.14 -0.44 8.95
O31 TPV D . 3.60 -0.54 10.31
O32 TPV D . 1.78 0.07 8.90
C33 TPV D . 3.25 -1.83 8.12
N34 TPV D . 2.23 -2.19 7.30
C35 TPV D . 2.39 -3.21 6.41
C36 TPV D . 3.50 -4.04 6.45
C37 TPV D . 4.51 -3.74 7.37
C38 TPV D . 4.39 -2.63 8.20
C39 TPV D . 3.62 -5.19 5.46
F40 TPV D . 2.45 -5.75 5.24
F41 TPV D . 4.49 -6.08 5.88
F42 TPV D . 4.06 -4.74 4.30
#